data_2IZW
#
_entry.id   2IZW
#
_cell.length_a   277.641
_cell.length_b   298.719
_cell.length_c   392.485
_cell.angle_alpha   90.00
_cell.angle_beta   92.74
_cell.angle_gamma   90.00
#
_symmetry.space_group_name_H-M   'P 1 21 1'
#
_entity_poly.entity_id   1
_entity_poly.type   'polypeptide(L)'
_entity_poly.pdbx_seq_one_letter_code
;ARKKGKSASQVIVLKEKSRKKRQKSRGQQPTRQVTPVSAPAAMGTQITYRGPQVVTQYGDITPAKNSGSLVRVTSSATAG
TEVSGTVLFNVRNATELPWLSGQGSRYSKYRVRYAHFTWEPIVGSNTNGEVAMAMLYDVADVTSITIERLMQTRGGTWGP
IWSPTRKRLSYDPEHASLPWYLSGVSSGAAAGNIQTPFQIAWAAQSSLVSTTLGRIMAEYLVELTDPVDVTINQ
;
_entity_poly.pdbx_strand_id   A,B,C
#
# COMPACT_ATOMS: atom_id res chain seq x y z
N GLN A 57 -4.94 -22.68 7.51
CA GLN A 57 -4.98 -23.03 8.96
C GLN A 57 -5.90 -22.12 9.77
N TYR A 58 -6.59 -22.69 10.74
CA TYR A 58 -7.54 -21.96 11.59
C TYR A 58 -6.89 -20.96 12.53
N GLY A 59 -7.60 -19.87 12.79
CA GLY A 59 -7.11 -18.86 13.70
C GLY A 59 -6.13 -17.87 13.09
N ASP A 60 -5.68 -18.14 11.87
CA ASP A 60 -4.74 -17.25 11.20
C ASP A 60 -5.44 -16.00 10.73
N ILE A 61 -6.77 -16.06 10.70
CA ILE A 61 -7.59 -14.93 10.33
C ILE A 61 -8.71 -14.92 11.34
N THR A 62 -8.78 -13.83 12.09
CA THR A 62 -9.78 -13.71 13.13
C THR A 62 -10.90 -12.76 12.74
N PRO A 63 -12.14 -13.23 12.91
CA PRO A 63 -13.29 -12.39 12.58
C PRO A 63 -13.76 -11.67 13.84
N ALA A 64 -13.97 -10.36 13.72
CA ALA A 64 -14.45 -9.55 14.84
C ALA A 64 -15.80 -9.04 14.37
N LYS A 65 -16.86 -9.63 14.90
CA LYS A 65 -18.20 -9.25 14.52
C LYS A 65 -18.92 -8.53 15.63
N ASN A 66 -19.35 -7.30 15.38
CA ASN A 66 -20.07 -6.57 16.40
C ASN A 66 -20.76 -5.38 15.80
N SER A 67 -21.25 -4.51 16.67
CA SER A 67 -21.95 -3.30 16.24
C SER A 67 -21.53 -2.15 17.16
N GLY A 68 -22.29 -1.06 17.10
CA GLY A 68 -21.99 0.08 17.93
C GLY A 68 -22.44 1.42 17.39
N SER A 69 -22.36 2.43 18.24
CA SER A 69 -22.73 3.77 17.84
C SER A 69 -21.47 4.46 17.35
N LEU A 70 -21.55 5.01 16.16
CA LEU A 70 -20.39 5.71 15.61
C LEU A 70 -20.35 7.12 16.15
N VAL A 71 -21.38 7.87 15.77
CA VAL A 71 -21.50 9.25 16.16
C VAL A 71 -22.90 9.62 16.58
N ARG A 72 -23.00 10.70 17.35
CA ARG A 72 -24.26 11.23 17.81
C ARG A 72 -24.38 12.58 17.11
N VAL A 73 -25.42 12.76 16.31
CA VAL A 73 -25.57 13.99 15.57
C VAL A 73 -26.43 15.04 16.26
N THR A 74 -25.85 16.23 16.42
CA THR A 74 -26.55 17.33 17.07
C THR A 74 -26.89 18.47 16.12
N SER A 75 -28.12 18.94 16.27
CA SER A 75 -28.70 20.03 15.49
C SER A 75 -27.78 21.24 15.39
N SER A 76 -28.01 22.07 14.37
CA SER A 76 -27.21 23.27 14.19
C SER A 76 -27.71 24.36 15.13
N ALA A 77 -26.83 25.32 15.44
CA ALA A 77 -27.16 26.45 16.30
C ALA A 77 -28.25 27.29 15.62
N THR A 78 -28.18 27.33 14.29
CA THR A 78 -29.13 28.06 13.47
C THR A 78 -30.14 27.04 12.93
N ALA A 79 -31.39 27.14 13.36
CA ALA A 79 -32.41 26.19 12.90
C ALA A 79 -32.46 26.04 11.39
N GLY A 80 -32.67 24.80 10.94
CA GLY A 80 -32.75 24.51 9.51
C GLY A 80 -31.41 24.38 8.82
N THR A 81 -30.37 24.88 9.46
CA THR A 81 -29.02 24.83 8.89
C THR A 81 -28.44 23.43 8.98
N GLU A 82 -27.66 23.08 7.96
CA GLU A 82 -27.05 21.76 7.88
C GLU A 82 -25.79 21.58 8.69
N VAL A 83 -25.66 20.36 9.23
CA VAL A 83 -24.51 19.96 10.03
C VAL A 83 -23.95 18.76 9.29
N SER A 84 -22.67 18.80 8.96
CA SER A 84 -22.07 17.68 8.25
C SER A 84 -20.92 17.08 9.03
N GLY A 85 -20.51 15.88 8.62
CA GLY A 85 -19.42 15.20 9.27
C GLY A 85 -18.94 14.00 8.48
N THR A 86 -17.84 13.41 8.94
CA THR A 86 -17.25 12.26 8.28
C THR A 86 -16.55 11.36 9.31
N VAL A 87 -16.80 10.06 9.23
CA VAL A 87 -16.21 9.10 10.15
C VAL A 87 -15.30 8.08 9.47
N LEU A 88 -14.05 8.00 9.93
CA LEU A 88 -13.09 7.05 9.37
C LEU A 88 -13.39 5.66 9.91
N PHE A 89 -13.51 4.68 9.02
CA PHE A 89 -13.77 3.33 9.48
C PHE A 89 -12.48 2.52 9.54
N ASN A 90 -12.00 2.24 10.75
CA ASN A 90 -10.79 1.45 10.89
C ASN A 90 -10.74 0.86 12.29
N VAL A 91 -9.83 -0.10 12.45
CA VAL A 91 -9.69 -0.81 13.70
C VAL A 91 -9.05 0.00 14.83
N ARG A 92 -8.51 1.16 14.49
CA ARG A 92 -7.86 1.97 15.50
C ARG A 92 -8.49 3.34 15.66
N ASN A 93 -9.82 3.37 15.64
CA ASN A 93 -10.56 4.62 15.80
C ASN A 93 -11.22 4.59 17.18
N ALA A 94 -10.44 4.92 18.21
CA ALA A 94 -10.91 4.89 19.58
C ALA A 94 -12.15 5.73 19.87
N THR A 95 -12.30 6.83 19.13
CA THR A 95 -13.43 7.72 19.32
C THR A 95 -14.79 7.12 18.97
N GLU A 96 -14.93 6.64 17.73
CA GLU A 96 -16.21 6.10 17.29
C GLU A 96 -16.33 4.58 17.22
N LEU A 97 -15.19 3.89 17.18
CA LEU A 97 -15.17 2.42 17.12
C LEU A 97 -14.25 1.93 18.22
N PRO A 98 -14.61 2.22 19.48
CA PRO A 98 -13.88 1.88 20.70
C PRO A 98 -13.66 0.39 20.85
N TRP A 99 -14.77 -0.35 20.88
CA TRP A 99 -14.73 -1.80 21.05
C TRP A 99 -13.76 -2.42 20.06
N LEU A 100 -13.87 -2.01 18.81
CA LEU A 100 -13.01 -2.50 17.75
C LEU A 100 -11.54 -2.15 18.00
N SER A 101 -11.29 -0.94 18.48
CA SER A 101 -9.92 -0.49 18.75
C SER A 101 -9.13 -1.45 19.60
N GLY A 102 -9.82 -2.09 20.54
CA GLY A 102 -9.15 -3.03 21.42
C GLY A 102 -8.62 -4.23 20.67
N GLN A 103 -9.14 -4.42 19.46
CA GLN A 103 -8.73 -5.53 18.60
C GLN A 103 -7.67 -5.02 17.66
N GLY A 104 -8.00 -3.95 16.95
CA GLY A 104 -7.06 -3.37 16.01
C GLY A 104 -5.69 -3.20 16.64
N SER A 105 -5.67 -2.74 17.88
CA SER A 105 -4.43 -2.53 18.60
C SER A 105 -3.51 -3.75 18.69
N ARG A 106 -4.08 -4.96 18.59
CA ARG A 106 -3.25 -6.17 18.68
C ARG A 106 -3.09 -7.04 17.43
N TYR A 107 -3.34 -6.46 16.26
CA TYR A 107 -3.19 -7.18 14.99
C TYR A 107 -2.54 -6.24 13.97
N SER A 108 -1.62 -6.76 13.16
CA SER A 108 -0.95 -5.93 12.17
C SER A 108 -1.83 -5.50 11.00
N LYS A 109 -2.61 -6.44 10.45
CA LYS A 109 -3.46 -6.15 9.31
C LYS A 109 -4.90 -6.57 9.51
N TYR A 110 -5.75 -6.15 8.60
CA TYR A 110 -7.17 -6.48 8.66
C TYR A 110 -7.86 -6.10 7.36
N ARG A 111 -9.13 -6.48 7.24
CA ARG A 111 -9.93 -6.14 6.07
C ARG A 111 -11.37 -6.30 6.50
N VAL A 112 -12.25 -5.53 5.86
CA VAL A 112 -13.67 -5.56 6.21
C VAL A 112 -14.47 -6.54 5.38
N ARG A 113 -15.10 -7.48 6.07
CA ARG A 113 -15.93 -8.50 5.44
C ARG A 113 -17.26 -7.87 5.03
N TYR A 114 -17.90 -7.18 5.97
CA TYR A 114 -19.15 -6.49 5.70
C TYR A 114 -19.40 -5.44 6.77
N ALA A 115 -20.06 -4.36 6.37
CA ALA A 115 -20.37 -3.26 7.28
C ALA A 115 -21.65 -2.59 6.80
N HIS A 116 -22.60 -2.43 7.72
CA HIS A 116 -23.89 -1.80 7.41
C HIS A 116 -24.14 -0.65 8.35
N PHE A 117 -24.45 0.51 7.77
CA PHE A 117 -24.69 1.70 8.57
C PHE A 117 -26.11 2.17 8.46
N THR A 118 -26.62 2.70 9.57
CA THR A 118 -28.00 3.19 9.63
C THR A 118 -28.20 4.44 10.49
N TRP A 119 -29.39 5.03 10.37
CA TRP A 119 -29.76 6.20 11.15
C TRP A 119 -30.61 5.78 12.32
N GLU A 120 -30.26 6.28 13.49
CA GLU A 120 -30.97 5.98 14.71
C GLU A 120 -31.58 7.25 15.31
N PRO A 121 -32.91 7.43 15.18
CA PRO A 121 -33.58 8.62 15.72
C PRO A 121 -33.74 8.64 17.24
N ILE A 122 -33.82 9.85 17.79
CA ILE A 122 -33.99 10.08 19.22
C ILE A 122 -35.17 11.05 19.37
N VAL A 123 -35.53 11.68 18.27
CA VAL A 123 -36.60 12.66 18.24
C VAL A 123 -37.97 12.08 17.86
N GLY A 124 -39.01 12.85 18.15
CA GLY A 124 -40.35 12.43 17.84
C GLY A 124 -40.69 12.64 16.39
N SER A 125 -41.64 11.84 15.91
CA SER A 125 -42.10 11.88 14.52
C SER A 125 -42.59 13.24 14.02
N ASN A 126 -42.70 14.20 14.93
CA ASN A 126 -43.18 15.53 14.58
C ASN A 126 -42.06 16.41 14.09
N THR A 127 -40.86 16.15 14.60
CA THR A 127 -39.70 16.97 14.27
C THR A 127 -39.42 17.09 12.77
N ASN A 128 -38.92 18.24 12.35
CA ASN A 128 -38.63 18.44 10.94
C ASN A 128 -37.15 18.31 10.64
N GLY A 129 -36.85 18.08 9.35
CA GLY A 129 -35.48 17.93 8.92
C GLY A 129 -35.23 16.56 8.30
N GLU A 130 -34.01 16.33 7.82
CA GLU A 130 -33.67 15.06 7.21
C GLU A 130 -32.18 14.73 7.37
N VAL A 131 -31.84 13.45 7.20
CA VAL A 131 -30.45 12.97 7.30
C VAL A 131 -30.01 12.33 6.00
N ALA A 132 -28.71 12.13 5.87
CA ALA A 132 -28.15 11.51 4.67
C ALA A 132 -26.77 10.93 4.95
N MET A 133 -26.45 9.82 4.29
CA MET A 133 -25.14 9.17 4.42
C MET A 133 -24.69 8.61 3.10
N ALA A 134 -23.38 8.45 2.95
CA ALA A 134 -22.81 7.90 1.74
C ALA A 134 -21.41 7.42 2.11
N MET A 135 -20.76 6.70 1.21
CA MET A 135 -19.43 6.19 1.50
C MET A 135 -18.35 6.91 0.73
N LEU A 136 -17.29 7.27 1.43
CA LEU A 136 -16.17 7.93 0.80
C LEU A 136 -14.99 7.00 0.91
N TYR A 137 -14.10 7.06 -0.08
CA TYR A 137 -12.95 6.20 -0.06
C TYR A 137 -11.64 6.95 -0.16
N ASP A 138 -11.57 8.10 0.50
CA ASP A 138 -10.37 8.92 0.49
C ASP A 138 -10.37 9.77 1.75
N VAL A 139 -9.42 9.48 2.63
CA VAL A 139 -9.28 10.21 3.90
C VAL A 139 -9.21 11.71 3.66
N ALA A 140 -8.65 12.08 2.50
CA ALA A 140 -8.50 13.48 2.14
C ALA A 140 -9.82 14.25 2.04
N ASP A 141 -10.81 13.70 1.36
CA ASP A 141 -12.10 14.38 1.20
C ASP A 141 -12.92 14.48 2.50
N VAL A 142 -13.02 15.69 3.04
CA VAL A 142 -13.76 15.93 4.29
C VAL A 142 -14.51 17.27 4.27
N THR A 143 -14.45 17.96 3.14
CA THR A 143 -15.08 19.26 2.98
C THR A 143 -16.26 19.22 2.04
N SER A 144 -17.00 20.32 2.02
CA SER A 144 -18.13 20.48 1.13
C SER A 144 -19.20 19.39 1.19
N ILE A 145 -19.36 18.78 2.35
CA ILE A 145 -20.36 17.73 2.49
C ILE A 145 -21.75 18.34 2.70
N THR A 146 -22.73 17.91 1.91
CA THR A 146 -24.09 18.42 2.03
C THR A 146 -25.07 17.35 1.59
N ILE A 147 -26.27 17.35 2.16
CA ILE A 147 -27.29 16.36 1.81
C ILE A 147 -27.35 16.12 0.29
N GLU A 148 -27.81 17.13 -0.44
CA GLU A 148 -27.94 17.06 -1.89
C GLU A 148 -26.75 16.34 -2.56
N ARG A 149 -25.56 16.54 -2.03
CA ARG A 149 -24.36 15.92 -2.59
C ARG A 149 -24.18 14.47 -2.20
N LEU A 150 -24.45 14.14 -0.95
CA LEU A 150 -24.32 12.78 -0.49
C LEU A 150 -25.33 11.91 -1.24
N MET A 151 -26.45 12.51 -1.63
CA MET A 151 -27.50 11.78 -2.34
C MET A 151 -27.05 11.30 -3.70
N GLN A 152 -26.04 11.95 -4.27
CA GLN A 152 -25.53 11.52 -5.55
C GLN A 152 -24.17 10.88 -5.38
N THR A 153 -23.99 10.22 -4.25
CA THR A 153 -22.75 9.53 -3.95
C THR A 153 -23.08 8.09 -3.60
N ARG A 154 -22.14 7.21 -3.96
CA ARG A 154 -22.26 5.78 -3.75
C ARG A 154 -22.87 5.39 -2.41
N GLY A 155 -23.98 4.66 -2.46
CA GLY A 155 -24.62 4.19 -1.25
C GLY A 155 -25.52 5.16 -0.50
N GLY A 156 -25.75 6.33 -1.07
CA GLY A 156 -26.58 7.31 -0.40
C GLY A 156 -27.90 6.83 0.19
N THR A 157 -28.09 7.04 1.48
CA THR A 157 -29.33 6.69 2.15
C THR A 157 -29.84 8.00 2.72
N TRP A 158 -31.13 8.08 3.02
CA TRP A 158 -31.69 9.32 3.53
C TRP A 158 -33.08 9.10 4.06
N GLY A 159 -33.70 10.19 4.50
CA GLY A 159 -35.05 10.11 5.02
C GLY A 159 -35.33 11.08 6.14
N PRO A 160 -36.59 11.20 6.56
CA PRO A 160 -36.99 12.11 7.64
C PRO A 160 -36.14 11.80 8.86
N ILE A 161 -35.85 12.81 9.67
CA ILE A 161 -35.01 12.63 10.84
C ILE A 161 -35.54 11.70 11.89
N TRP A 162 -36.85 11.68 12.05
CA TRP A 162 -37.44 10.83 13.06
C TRP A 162 -37.57 9.37 12.63
N SER A 163 -37.42 9.12 11.34
CA SER A 163 -37.55 7.77 10.82
C SER A 163 -36.27 6.96 10.65
N PRO A 164 -36.28 5.70 11.13
CA PRO A 164 -35.14 4.78 11.05
C PRO A 164 -34.93 4.43 9.59
N THR A 165 -33.70 4.62 9.10
CA THR A 165 -33.41 4.36 7.68
C THR A 165 -33.93 3.03 7.18
N ARG A 166 -34.55 3.09 6.00
CA ARG A 166 -35.13 1.93 5.34
C ARG A 166 -33.98 1.13 4.74
N LYS A 167 -33.43 1.64 3.63
CA LYS A 167 -32.30 0.98 2.99
C LYS A 167 -31.08 1.35 3.81
N ARG A 168 -30.09 0.47 3.83
CA ARG A 168 -28.88 0.73 4.61
C ARG A 168 -27.70 1.00 3.72
N LEU A 169 -26.65 1.50 4.34
CA LEU A 169 -25.42 1.82 3.64
C LEU A 169 -24.52 0.61 3.89
N SER A 170 -24.08 -0.04 2.82
CA SER A 170 -23.24 -1.22 2.97
C SER A 170 -21.89 -1.07 2.30
N TYR A 171 -20.88 -1.76 2.82
CA TYR A 171 -19.53 -1.70 2.26
C TYR A 171 -19.38 -2.62 1.04
N ASP A 172 -18.59 -2.18 0.06
CA ASP A 172 -18.35 -2.98 -1.15
C ASP A 172 -16.89 -3.46 -1.20
N PRO A 173 -16.63 -4.65 -0.63
CA PRO A 173 -15.29 -5.26 -0.56
C PRO A 173 -14.77 -5.65 -1.93
N GLU A 174 -15.68 -5.90 -2.86
CA GLU A 174 -15.29 -6.28 -4.19
C GLU A 174 -14.30 -5.26 -4.75
N HIS A 175 -14.41 -4.02 -4.29
CA HIS A 175 -13.55 -2.97 -4.78
C HIS A 175 -12.55 -2.41 -3.78
N ALA A 176 -12.15 -3.22 -2.79
CA ALA A 176 -11.16 -2.72 -1.83
C ALA A 176 -9.96 -2.26 -2.62
N SER A 177 -9.36 -1.15 -2.17
CA SER A 177 -8.20 -0.60 -2.84
C SER A 177 -7.04 -1.50 -2.59
N LEU A 178 -7.17 -2.33 -1.57
CA LEU A 178 -6.14 -3.30 -1.28
C LEU A 178 -6.64 -4.43 -0.38
N PRO A 179 -6.09 -5.64 -0.59
CA PRO A 179 -6.38 -6.90 0.11
C PRO A 179 -6.43 -6.83 1.61
N TRP A 180 -5.38 -6.23 2.18
CA TRP A 180 -5.28 -6.11 3.63
C TRP A 180 -4.81 -4.72 4.01
N TYR A 181 -5.61 -4.03 4.82
CA TYR A 181 -5.26 -2.70 5.30
C TYR A 181 -4.42 -2.79 6.57
N LEU A 182 -3.58 -1.79 6.80
CA LEU A 182 -2.74 -1.77 7.97
C LEU A 182 -3.42 -1.24 9.21
N SER A 183 -3.14 -1.88 10.32
CA SER A 183 -3.67 -1.46 11.61
C SER A 183 -2.63 -0.46 12.12
N GLY A 184 -2.69 0.74 11.60
CA GLY A 184 -1.73 1.76 11.98
C GLY A 184 -2.42 3.05 12.37
N VAL A 185 -1.60 4.00 12.82
CA VAL A 185 -2.09 5.29 13.25
C VAL A 185 -1.32 6.45 12.65
N SER A 186 -0.43 6.15 11.71
CA SER A 186 0.35 7.20 11.06
C SER A 186 -0.55 8.26 10.48
N SER A 187 -0.09 9.50 10.55
CA SER A 187 -0.84 10.63 10.04
C SER A 187 -0.55 10.85 8.56
N GLY A 188 -1.36 11.68 7.92
CA GLY A 188 -1.14 11.94 6.51
C GLY A 188 -2.25 11.32 5.70
N ALA A 189 -2.45 11.84 4.49
CA ALA A 189 -3.49 11.35 3.60
C ALA A 189 -3.18 9.90 3.20
N ALA A 190 -2.04 9.71 2.54
CA ALA A 190 -1.64 8.37 2.11
C ALA A 190 -1.67 7.38 3.28
N ALA A 191 -0.87 7.66 4.30
CA ALA A 191 -0.81 6.78 5.45
C ALA A 191 -2.22 6.44 5.93
N GLY A 192 -3.14 7.37 5.73
CA GLY A 192 -4.51 7.16 6.16
C GLY A 192 -5.29 6.24 5.25
N ASN A 193 -5.10 6.39 3.95
CA ASN A 193 -5.78 5.57 2.97
C ASN A 193 -5.29 4.12 3.02
N ILE A 194 -4.08 3.93 3.53
CA ILE A 194 -3.51 2.60 3.65
C ILE A 194 -4.01 1.90 4.92
N GLN A 195 -4.52 2.70 5.86
CA GLN A 195 -5.01 2.15 7.12
C GLN A 195 -6.52 2.14 7.22
N THR A 196 -7.19 2.89 6.33
CA THR A 196 -8.64 2.98 6.37
C THR A 196 -9.31 2.68 5.02
N PRO A 197 -10.08 1.60 4.96
CA PRO A 197 -10.81 1.16 3.76
C PRO A 197 -11.87 2.12 3.24
N PHE A 198 -12.42 2.95 4.12
CA PHE A 198 -13.48 3.88 3.71
C PHE A 198 -13.96 4.73 4.88
N GLN A 199 -14.79 5.72 4.58
CA GLN A 199 -15.35 6.56 5.63
C GLN A 199 -16.81 6.83 5.34
N ILE A 200 -17.52 7.22 6.39
CA ILE A 200 -18.93 7.53 6.26
C ILE A 200 -19.12 9.04 6.31
N ALA A 201 -19.70 9.57 5.25
CA ALA A 201 -19.97 10.98 5.17
C ALA A 201 -21.43 11.10 5.53
N TRP A 202 -21.77 12.14 6.27
CA TRP A 202 -23.15 12.34 6.68
C TRP A 202 -23.43 13.83 6.80
N ALA A 203 -24.70 14.18 6.67
CA ALA A 203 -25.15 15.56 6.76
C ALA A 203 -26.60 15.49 7.22
N ALA A 204 -27.00 16.48 8.02
CA ALA A 204 -28.37 16.52 8.52
C ALA A 204 -28.75 17.96 8.84
N GLN A 205 -30.05 18.22 8.90
CA GLN A 205 -30.52 19.55 9.24
C GLN A 205 -31.87 19.38 9.91
N SER A 206 -32.18 20.25 10.86
CA SER A 206 -33.44 20.17 11.55
C SER A 206 -33.94 21.51 12.03
N SER A 207 -35.27 21.61 12.17
CA SER A 207 -35.94 22.80 12.64
C SER A 207 -35.55 23.02 14.11
N LEU A 208 -35.23 21.95 14.81
CA LEU A 208 -34.83 22.04 16.22
C LEU A 208 -33.47 22.73 16.31
N VAL A 209 -33.15 23.23 17.50
CA VAL A 209 -31.88 23.93 17.67
C VAL A 209 -30.94 23.32 18.69
N SER A 210 -29.70 23.08 18.25
CA SER A 210 -28.64 22.52 19.07
C SER A 210 -29.10 21.36 19.95
N THR A 211 -29.99 20.55 19.41
CA THR A 211 -30.51 19.38 20.12
C THR A 211 -29.90 18.15 19.45
N THR A 212 -29.82 17.04 20.16
CA THR A 212 -29.26 15.83 19.56
C THR A 212 -30.35 15.03 18.85
N LEU A 213 -30.22 14.97 17.53
CA LEU A 213 -31.18 14.28 16.66
C LEU A 213 -31.16 12.75 16.71
N GLY A 214 -29.97 12.18 16.64
CA GLY A 214 -29.86 10.73 16.67
C GLY A 214 -28.42 10.29 16.54
N ARG A 215 -28.24 8.98 16.33
CA ARG A 215 -26.91 8.40 16.21
C ARG A 215 -26.78 7.67 14.88
N ILE A 216 -25.55 7.49 14.44
CA ILE A 216 -25.30 6.72 13.24
C ILE A 216 -24.79 5.38 13.74
N MET A 217 -25.49 4.33 13.36
CA MET A 217 -25.18 2.98 13.78
C MET A 217 -24.33 2.19 12.80
N ALA A 218 -23.59 1.22 13.33
CA ALA A 218 -22.74 0.37 12.49
C ALA A 218 -22.78 -1.09 12.95
N GLU A 219 -22.87 -2.00 11.98
CA GLU A 219 -22.88 -3.45 12.21
C GLU A 219 -21.82 -3.98 11.27
N TYR A 220 -20.82 -4.65 11.81
CA TYR A 220 -19.74 -5.12 10.98
C TYR A 220 -19.20 -6.50 11.33
N LEU A 221 -18.30 -6.94 10.45
CA LEU A 221 -17.58 -8.20 10.59
C LEU A 221 -16.22 -7.82 9.99
N VAL A 222 -15.19 -7.94 10.80
CA VAL A 222 -13.87 -7.58 10.34
C VAL A 222 -12.91 -8.74 10.52
N GLU A 223 -12.10 -9.00 9.52
CA GLU A 223 -11.15 -10.08 9.62
C GLU A 223 -9.78 -9.49 9.88
N LEU A 224 -9.18 -9.91 10.98
CA LEU A 224 -7.88 -9.41 11.39
C LEU A 224 -6.85 -10.51 11.24
N THR A 225 -5.58 -10.12 11.12
CA THR A 225 -4.53 -11.10 10.95
C THR A 225 -3.17 -10.57 11.40
N ASP A 226 -2.23 -11.48 11.63
CA ASP A 226 -0.86 -11.16 12.06
C ASP A 226 -0.85 -10.45 13.41
N PRO A 227 -1.14 -11.17 14.51
CA PRO A 227 -1.13 -10.58 15.85
C PRO A 227 0.15 -9.82 16.19
N VAL A 228 -0.01 -8.78 17.02
CA VAL A 228 1.10 -7.94 17.44
C VAL A 228 0.94 -7.45 18.84
N ASP A 229 2.06 -7.34 19.57
CA ASP A 229 2.03 -6.84 20.92
C ASP A 229 1.48 -5.43 20.84
N VAL A 230 0.49 -5.13 21.66
CA VAL A 230 -0.16 -3.84 21.64
C VAL A 230 0.76 -2.63 21.72
N THR A 231 1.77 -2.71 22.59
CA THR A 231 2.73 -1.63 22.78
C THR A 231 3.56 -1.30 21.53
N ILE A 232 4.04 -2.33 20.85
CA ILE A 232 4.85 -2.15 19.66
C ILE A 232 4.00 -1.59 18.54
N ASN A 233 2.86 -2.20 18.32
CA ASN A 233 1.93 -1.82 17.31
C ASN A 233 1.26 -0.52 17.68
N GLN A 234 1.75 0.56 17.09
CA GLN A 234 1.23 1.90 17.31
C GLN A 234 1.79 2.82 16.22
N THR B 56 -22.07 -9.69 -7.86
CA THR B 56 -22.28 -8.20 -7.92
C THR B 56 -23.00 -7.79 -9.18
N GLN B 57 -23.94 -6.87 -9.06
CA GLN B 57 -24.70 -6.46 -10.21
C GLN B 57 -24.08 -5.52 -11.22
N TYR B 58 -24.74 -5.50 -12.37
CA TYR B 58 -24.39 -4.70 -13.51
C TYR B 58 -24.47 -3.25 -13.13
N GLY B 59 -23.53 -2.46 -13.63
CA GLY B 59 -23.51 -1.04 -13.33
C GLY B 59 -22.51 -0.63 -12.28
N ASP B 60 -22.22 -1.51 -11.34
CA ASP B 60 -21.26 -1.23 -10.27
C ASP B 60 -19.91 -0.79 -10.81
N ILE B 61 -19.57 -1.27 -12.00
CA ILE B 61 -18.33 -0.87 -12.64
C ILE B 61 -18.66 -0.22 -13.96
N THR B 62 -18.12 0.97 -14.17
CA THR B 62 -18.38 1.72 -15.40
C THR B 62 -17.14 1.76 -16.26
N PRO B 63 -17.21 1.16 -17.46
CA PRO B 63 -16.08 1.15 -18.37
C PRO B 63 -15.98 2.44 -19.18
N ALA B 64 -14.77 2.97 -19.29
CA ALA B 64 -14.53 4.18 -20.05
C ALA B 64 -13.55 3.78 -21.15
N LYS B 65 -14.10 3.52 -22.33
CA LYS B 65 -13.26 3.11 -23.44
C LYS B 65 -13.17 4.25 -24.42
N ASN B 66 -11.95 4.65 -24.76
CA ASN B 66 -11.76 5.73 -25.69
C ASN B 66 -10.28 5.87 -25.95
N SER B 67 -9.92 6.88 -26.73
CA SER B 67 -8.53 7.16 -27.02
C SER B 67 -8.38 8.68 -27.02
N GLY B 68 -7.19 9.16 -27.34
CA GLY B 68 -6.97 10.59 -27.36
C GLY B 68 -5.51 10.97 -27.33
N SER B 69 -5.23 12.26 -27.57
CA SER B 69 -3.86 12.76 -27.57
C SER B 69 -3.37 12.94 -26.15
N LEU B 70 -2.29 12.25 -25.80
CA LEU B 70 -1.74 12.38 -24.46
C LEU B 70 -1.00 13.69 -24.31
N VAL B 71 0.02 13.89 -25.15
CA VAL B 71 0.82 15.11 -25.13
C VAL B 71 1.27 15.49 -26.52
N ARG B 72 1.63 16.75 -26.64
CA ARG B 72 2.12 17.31 -27.89
C ARG B 72 3.61 17.45 -27.63
N VAL B 73 4.43 16.73 -28.37
CA VAL B 73 5.86 16.83 -28.16
C VAL B 73 6.49 17.85 -29.10
N THR B 74 6.98 18.94 -28.51
CA THR B 74 7.61 19.99 -29.28
C THR B 74 9.11 20.16 -28.92
N SER B 75 9.92 20.34 -29.96
CA SER B 75 11.37 20.45 -29.83
C SER B 75 11.93 21.62 -29.06
N SER B 76 13.17 21.46 -28.63
CA SER B 76 13.87 22.47 -27.85
C SER B 76 14.19 23.70 -28.66
N ALA B 77 14.28 24.82 -27.96
CA ALA B 77 14.59 26.12 -28.55
C ALA B 77 16.03 26.09 -29.06
N THR B 78 16.86 25.22 -28.48
CA THR B 78 18.25 25.08 -28.91
C THR B 78 18.29 23.82 -29.77
N ALA B 79 18.55 23.99 -31.05
CA ALA B 79 18.57 22.87 -31.97
C ALA B 79 19.30 21.64 -31.42
N GLY B 80 18.69 20.47 -31.65
CA GLY B 80 19.27 19.20 -31.22
C GLY B 80 19.34 18.85 -29.75
N THR B 81 18.58 19.54 -28.91
CA THR B 81 18.60 19.25 -27.48
C THR B 81 17.47 18.33 -27.06
N GLU B 82 17.80 17.20 -26.43
CA GLU B 82 16.76 16.25 -26.00
C GLU B 82 15.73 16.98 -25.14
N VAL B 83 14.47 16.60 -25.29
CA VAL B 83 13.37 17.17 -24.51
C VAL B 83 12.73 15.97 -23.82
N SER B 84 12.54 16.04 -22.51
CA SER B 84 11.97 14.95 -21.75
C SER B 84 10.59 15.26 -21.23
N GLY B 85 9.97 14.26 -20.65
CA GLY B 85 8.64 14.42 -20.12
C GLY B 85 8.15 13.17 -19.44
N THR B 86 7.11 13.33 -18.64
CA THR B 86 6.51 12.24 -17.92
C THR B 86 5.03 12.55 -17.84
N VAL B 87 4.20 11.56 -18.15
CA VAL B 87 2.76 11.77 -18.11
C VAL B 87 2.13 10.78 -17.17
N LEU B 88 1.33 11.27 -16.24
CA LEU B 88 0.67 10.39 -15.29
C LEU B 88 -0.65 9.90 -15.84
N PHE B 89 -0.88 8.59 -15.78
CA PHE B 89 -2.11 8.05 -16.27
C PHE B 89 -3.15 8.06 -15.15
N ASN B 90 -3.98 9.11 -15.14
CA ASN B 90 -5.02 9.33 -14.13
C ASN B 90 -6.38 9.58 -14.70
N VAL B 91 -7.37 9.37 -13.85
CA VAL B 91 -8.73 9.68 -14.23
C VAL B 91 -8.84 11.16 -13.83
N ARG B 92 -7.75 11.66 -13.25
CA ARG B 92 -7.66 13.04 -12.77
C ARG B 92 -6.66 13.94 -13.47
N ASN B 93 -6.03 13.49 -14.54
CA ASN B 93 -5.08 14.37 -15.23
C ASN B 93 -5.81 15.16 -16.30
N ALA B 94 -6.51 16.20 -15.89
CA ALA B 94 -7.32 17.02 -16.81
C ALA B 94 -6.60 17.71 -17.96
N THR B 95 -5.29 17.84 -17.84
CA THR B 95 -4.50 18.51 -18.87
C THR B 95 -4.29 17.66 -20.11
N GLU B 96 -3.98 16.39 -19.90
CA GLU B 96 -3.70 15.47 -20.99
C GLU B 96 -4.76 14.39 -21.21
N LEU B 97 -5.65 14.22 -20.23
CA LEU B 97 -6.72 13.22 -20.34
C LEU B 97 -8.04 13.88 -19.96
N PRO B 98 -8.43 14.90 -20.72
CA PRO B 98 -9.66 15.66 -20.52
C PRO B 98 -10.88 14.77 -20.41
N TRP B 99 -11.17 14.09 -21.51
CA TRP B 99 -12.33 13.21 -21.59
C TRP B 99 -12.41 12.27 -20.41
N LEU B 100 -11.27 11.70 -20.06
CA LEU B 100 -11.20 10.77 -18.94
C LEU B 100 -11.40 11.49 -17.61
N SER B 101 -10.70 12.60 -17.46
CA SER B 101 -10.76 13.40 -16.23
C SER B 101 -12.15 13.82 -15.83
N GLY B 102 -12.98 14.13 -16.80
CA GLY B 102 -14.34 14.53 -16.49
C GLY B 102 -15.15 13.44 -15.80
N GLN B 103 -14.62 12.23 -15.76
CA GLN B 103 -15.32 11.13 -15.13
C GLN B 103 -14.59 10.75 -13.85
N GLY B 104 -13.27 10.78 -13.92
CA GLY B 104 -12.49 10.45 -12.73
C GLY B 104 -13.03 11.28 -11.59
N SER B 105 -13.29 12.54 -11.89
CA SER B 105 -13.81 13.49 -10.91
C SER B 105 -15.09 13.02 -10.22
N ARG B 106 -15.95 12.28 -10.90
CA ARG B 106 -17.20 11.83 -10.27
C ARG B 106 -17.24 10.38 -9.75
N TYR B 107 -16.08 9.73 -9.67
CA TYR B 107 -15.96 8.36 -9.13
C TYR B 107 -14.84 8.29 -8.13
N SER B 108 -14.98 7.42 -7.13
CA SER B 108 -13.99 7.26 -6.09
C SER B 108 -12.75 6.47 -6.48
N LYS B 109 -12.94 5.23 -6.94
CA LYS B 109 -11.85 4.33 -7.33
C LYS B 109 -11.90 3.99 -8.82
N TYR B 110 -10.87 3.31 -9.29
CA TYR B 110 -10.79 2.90 -10.69
C TYR B 110 -9.59 1.98 -10.94
N ARG B 111 -9.60 1.33 -12.10
CA ARG B 111 -8.51 0.43 -12.50
C ARG B 111 -8.39 0.47 -14.02
N VAL B 112 -7.20 0.18 -14.55
CA VAL B 112 -7.00 0.21 -16.00
C VAL B 112 -7.07 -1.19 -16.60
N ARG B 113 -8.06 -1.42 -17.45
CA ARG B 113 -8.21 -2.72 -18.09
C ARG B 113 -7.10 -2.89 -19.11
N TYR B 114 -6.87 -1.88 -19.93
CA TYR B 114 -5.81 -1.92 -20.92
C TYR B 114 -5.53 -0.51 -21.43
N ALA B 115 -4.29 -0.29 -21.86
CA ALA B 115 -3.88 1.01 -22.37
C ALA B 115 -2.70 0.83 -23.31
N HIS B 116 -2.83 1.35 -24.53
CA HIS B 116 -1.78 1.23 -25.53
C HIS B 116 -1.35 2.62 -25.97
N PHE B 117 -0.05 2.82 -25.99
CA PHE B 117 0.48 4.11 -26.39
C PHE B 117 1.26 4.00 -27.67
N THR B 118 1.16 5.05 -28.47
CA THR B 118 1.81 5.07 -29.76
C THR B 118 2.27 6.49 -30.13
N TRP B 119 3.29 6.60 -30.99
CA TRP B 119 3.78 7.89 -31.42
C TRP B 119 3.09 8.31 -32.72
N GLU B 120 2.55 9.52 -32.70
CA GLU B 120 1.86 10.11 -33.84
C GLU B 120 2.67 11.27 -34.41
N PRO B 121 3.44 11.02 -35.49
CA PRO B 121 4.24 12.11 -36.05
C PRO B 121 3.43 13.08 -36.89
N ILE B 122 3.83 14.34 -36.89
CA ILE B 122 3.15 15.34 -37.70
C ILE B 122 4.16 16.16 -38.51
N VAL B 123 5.38 15.62 -38.63
CA VAL B 123 6.44 16.28 -39.40
C VAL B 123 6.90 15.36 -40.54
N GLY B 124 7.32 15.96 -41.65
CA GLY B 124 7.75 15.20 -42.81
C GLY B 124 8.93 14.26 -42.68
N SER B 125 9.06 13.39 -43.67
CA SER B 125 10.11 12.38 -43.76
C SER B 125 11.55 12.90 -43.66
N ASN B 126 11.77 14.14 -44.08
CA ASN B 126 13.09 14.75 -44.06
C ASN B 126 13.52 15.26 -42.70
N THR B 127 12.61 15.27 -41.74
CA THR B 127 12.91 15.75 -40.39
C THR B 127 14.00 14.90 -39.72
N ASN B 128 14.85 15.54 -38.93
CA ASN B 128 15.94 14.81 -38.29
C ASN B 128 15.82 14.65 -36.81
N GLY B 129 14.98 13.71 -36.38
CA GLY B 129 14.82 13.49 -34.96
C GLY B 129 14.57 12.03 -34.58
N GLU B 130 14.53 11.80 -33.27
CA GLU B 130 14.29 10.48 -32.72
C GLU B 130 13.35 10.65 -31.53
N VAL B 131 12.61 9.60 -31.20
CA VAL B 131 11.66 9.63 -30.08
C VAL B 131 11.73 8.34 -29.30
N ALA B 132 11.34 8.37 -28.03
CA ALA B 132 11.36 7.18 -27.19
C ALA B 132 10.32 7.24 -26.08
N MET B 133 9.79 6.08 -25.69
CA MET B 133 8.81 6.03 -24.61
C MET B 133 9.05 4.76 -23.82
N ALA B 134 8.60 4.79 -22.58
CA ALA B 134 8.75 3.63 -21.70
C ALA B 134 7.73 3.82 -20.60
N MET B 135 7.53 2.80 -19.78
CA MET B 135 6.55 2.89 -18.72
C MET B 135 7.17 2.87 -17.35
N LEU B 136 6.76 3.81 -16.52
CA LEU B 136 7.27 3.88 -15.16
C LEU B 136 6.16 3.58 -14.20
N TYR B 137 6.53 3.16 -12.99
CA TYR B 137 5.52 2.83 -11.99
C TYR B 137 5.73 3.53 -10.66
N ASP B 138 6.66 4.49 -10.62
CA ASP B 138 6.91 5.23 -9.40
C ASP B 138 6.75 6.69 -9.79
N VAL B 139 5.83 7.36 -9.11
CA VAL B 139 5.55 8.77 -9.37
C VAL B 139 6.78 9.60 -9.02
N ALA B 140 7.62 9.06 -8.15
CA ALA B 140 8.84 9.72 -7.71
C ALA B 140 9.92 9.73 -8.80
N ASP B 141 9.82 8.82 -9.76
CA ASP B 141 10.81 8.73 -10.85
C ASP B 141 10.49 9.80 -11.91
N VAL B 142 11.15 10.96 -11.82
CA VAL B 142 10.89 12.06 -12.76
C VAL B 142 12.11 12.74 -13.33
N THR B 143 13.30 12.32 -12.94
CA THR B 143 14.50 12.96 -13.46
C THR B 143 15.34 12.06 -14.32
N SER B 144 16.32 12.66 -14.96
CA SER B 144 17.27 11.93 -15.77
C SER B 144 16.62 11.16 -16.90
N ILE B 145 15.48 11.64 -17.39
CA ILE B 145 14.80 10.96 -18.47
C ILE B 145 15.55 11.17 -19.78
N THR B 146 16.44 10.26 -20.15
CA THR B 146 17.16 10.40 -21.41
C THR B 146 16.73 9.27 -22.33
N ILE B 147 17.02 9.38 -23.62
CA ILE B 147 16.63 8.36 -24.56
C ILE B 147 17.31 7.01 -24.29
N GLU B 148 18.64 7.02 -24.15
CA GLU B 148 19.35 5.79 -23.87
C GLU B 148 18.86 5.07 -22.61
N ARG B 149 18.19 5.80 -21.73
CA ARG B 149 17.69 5.20 -20.51
C ARG B 149 16.31 4.62 -20.69
N LEU B 150 15.47 5.28 -21.47
CA LEU B 150 14.13 4.77 -21.69
C LEU B 150 14.28 3.43 -22.43
N MET B 151 15.29 3.36 -23.28
CA MET B 151 15.57 2.16 -24.05
C MET B 151 16.06 1.00 -23.19
N GLN B 152 16.12 1.21 -21.89
CA GLN B 152 16.58 0.16 -21.00
C GLN B 152 15.52 -0.10 -19.96
N THR B 153 14.40 0.60 -20.07
CA THR B 153 13.34 0.36 -19.11
C THR B 153 12.17 -0.30 -19.85
N ARG B 154 11.31 -0.97 -19.09
CA ARG B 154 10.18 -1.70 -19.63
C ARG B 154 9.38 -1.08 -20.77
N GLY B 155 9.26 -1.83 -21.86
CA GLY B 155 8.49 -1.38 -23.00
C GLY B 155 9.15 -0.34 -23.86
N GLY B 156 10.34 0.09 -23.46
CA GLY B 156 11.04 1.11 -24.23
C GLY B 156 10.94 0.97 -25.73
N THR B 157 10.38 1.99 -26.39
CA THR B 157 10.27 1.97 -27.85
C THR B 157 10.94 3.21 -28.39
N TRP B 158 11.87 3.00 -29.31
CA TRP B 158 12.61 4.07 -29.95
C TRP B 158 12.43 3.97 -31.45
N GLY B 159 12.54 5.09 -32.15
CA GLY B 159 12.39 5.07 -33.58
C GLY B 159 12.53 6.46 -34.18
N PRO B 160 12.60 6.57 -35.52
CA PRO B 160 12.74 7.89 -36.14
C PRO B 160 11.48 8.73 -35.96
N ILE B 161 11.70 10.03 -35.89
CA ILE B 161 10.66 11.02 -35.68
C ILE B 161 9.45 10.98 -36.61
N TRP B 162 9.70 10.80 -37.91
CA TRP B 162 8.64 10.79 -38.91
C TRP B 162 7.80 9.51 -38.97
N SER B 163 8.33 8.44 -38.38
CA SER B 163 7.68 7.13 -38.40
C SER B 163 6.68 6.80 -37.29
N PRO B 164 5.41 6.51 -37.66
CA PRO B 164 4.36 6.18 -36.69
C PRO B 164 4.70 4.83 -36.04
N THR B 165 4.56 4.76 -34.73
CA THR B 165 4.86 3.54 -34.00
C THR B 165 4.15 2.33 -34.56
N ARG B 166 4.90 1.24 -34.68
CA ARG B 166 4.39 -0.03 -35.18
C ARG B 166 4.05 -0.94 -34.00
N LYS B 167 5.05 -1.23 -33.18
CA LYS B 167 4.85 -2.07 -32.02
C LYS B 167 4.52 -1.20 -30.81
N ARG B 168 3.24 -1.00 -30.57
CA ARG B 168 2.79 -0.16 -29.48
C ARG B 168 3.25 -0.57 -28.08
N LEU B 169 3.28 0.41 -27.19
CA LEU B 169 3.67 0.24 -25.80
C LEU B 169 2.39 -0.03 -25.01
N SER B 170 2.39 -1.05 -24.15
CA SER B 170 1.17 -1.37 -23.41
C SER B 170 1.28 -1.64 -21.92
N TYR B 171 0.21 -1.27 -21.20
CA TYR B 171 0.14 -1.46 -19.76
C TYR B 171 0.02 -2.93 -19.40
N ASP B 172 0.69 -3.33 -18.33
CA ASP B 172 0.67 -4.71 -17.83
C ASP B 172 -0.10 -4.79 -16.50
N PRO B 173 -1.43 -4.94 -16.59
CA PRO B 173 -2.41 -5.04 -15.49
C PRO B 173 -2.16 -6.12 -14.47
N GLU B 174 -1.70 -7.27 -14.92
CA GLU B 174 -1.44 -8.38 -14.01
C GLU B 174 -0.36 -8.05 -12.99
N HIS B 175 0.26 -6.89 -13.13
CA HIS B 175 1.30 -6.50 -12.20
C HIS B 175 0.95 -5.27 -11.42
N ALA B 176 -0.28 -4.80 -11.58
CA ALA B 176 -0.74 -3.63 -10.86
C ALA B 176 -0.33 -3.76 -9.39
N SER B 177 0.13 -2.64 -8.84
CA SER B 177 0.57 -2.57 -7.45
C SER B 177 -0.63 -2.75 -6.55
N LEU B 178 -1.81 -2.45 -7.09
CA LEU B 178 -3.03 -2.65 -6.33
C LEU B 178 -4.27 -2.75 -7.21
N PRO B 179 -5.27 -3.54 -6.75
CA PRO B 179 -6.55 -3.82 -7.39
C PRO B 179 -7.31 -2.63 -7.92
N TRP B 180 -7.49 -1.64 -7.06
CA TRP B 180 -8.22 -0.43 -7.43
C TRP B 180 -7.49 0.83 -6.97
N TYR B 181 -7.25 1.73 -7.91
CA TYR B 181 -6.58 2.98 -7.57
C TYR B 181 -7.60 4.03 -7.18
N LEU B 182 -7.11 5.04 -6.48
CA LEU B 182 -7.98 6.11 -6.01
C LEU B 182 -8.02 7.32 -6.91
N SER B 183 -9.24 7.81 -7.11
CA SER B 183 -9.46 9.00 -7.92
C SER B 183 -9.26 10.17 -6.96
N GLY B 184 -8.01 10.60 -6.80
CA GLY B 184 -7.73 11.68 -5.90
C GLY B 184 -6.68 12.62 -6.46
N VAL B 185 -6.33 13.62 -5.67
CA VAL B 185 -5.33 14.61 -6.09
C VAL B 185 -4.29 14.93 -5.03
N SER B 186 -4.45 14.36 -3.84
CA SER B 186 -3.49 14.60 -2.76
C SER B 186 -2.06 14.57 -3.30
N SER B 187 -1.30 15.62 -3.03
CA SER B 187 0.08 15.70 -3.48
C SER B 187 0.95 14.79 -2.60
N GLY B 188 2.13 14.46 -3.09
CA GLY B 188 3.01 13.59 -2.33
C GLY B 188 3.32 12.35 -3.14
N ALA B 189 4.49 11.76 -2.89
CA ALA B 189 4.91 10.57 -3.61
C ALA B 189 4.00 9.38 -3.33
N ALA B 190 3.85 9.02 -2.05
CA ALA B 190 3.00 7.89 -1.70
C ALA B 190 1.60 8.11 -2.25
N ALA B 191 0.95 9.18 -1.80
CA ALA B 191 -0.40 9.50 -2.25
C ALA B 191 -0.48 9.39 -3.77
N GLY B 192 0.58 9.83 -4.44
CA GLY B 192 0.63 9.77 -5.90
C GLY B 192 0.54 8.36 -6.44
N ASN B 193 1.37 7.47 -5.92
CA ASN B 193 1.38 6.09 -6.37
C ASN B 193 0.08 5.33 -6.08
N ILE B 194 -0.74 5.86 -5.18
CA ILE B 194 -2.00 5.22 -4.83
C ILE B 194 -3.14 5.77 -5.68
N GLN B 195 -2.86 6.83 -6.43
CA GLN B 195 -3.88 7.43 -7.25
C GLN B 195 -3.60 7.19 -8.72
N THR B 196 -2.35 6.87 -9.04
CA THR B 196 -2.00 6.60 -10.42
C THR B 196 -1.19 5.31 -10.53
N PRO B 197 -1.61 4.40 -11.42
CA PRO B 197 -0.99 3.09 -11.67
C PRO B 197 0.33 3.13 -12.42
N PHE B 198 0.51 4.13 -13.29
CA PHE B 198 1.76 4.22 -14.05
C PHE B 198 1.90 5.55 -14.78
N GLN B 199 3.07 5.75 -15.38
CA GLN B 199 3.34 6.97 -16.12
C GLN B 199 4.05 6.63 -17.40
N ILE B 200 3.99 7.57 -18.34
CA ILE B 200 4.64 7.39 -19.62
C ILE B 200 5.80 8.36 -19.72
N ALA B 201 7.01 7.82 -19.68
CA ALA B 201 8.20 8.63 -19.80
C ALA B 201 8.55 8.71 -21.28
N TRP B 202 8.92 9.90 -21.73
CA TRP B 202 9.27 10.09 -23.14
C TRP B 202 10.38 11.11 -23.30
N ALA B 203 11.11 11.01 -24.40
CA ALA B 203 12.19 11.93 -24.68
C ALA B 203 12.36 11.96 -26.19
N ALA B 204 12.58 13.15 -26.73
CA ALA B 204 12.78 13.28 -28.16
C ALA B 204 13.84 14.34 -28.40
N GLN B 205 14.30 14.45 -29.63
CA GLN B 205 15.31 15.44 -29.97
C GLN B 205 15.20 15.67 -31.46
N SER B 206 15.56 16.86 -31.91
CA SER B 206 15.50 17.17 -33.34
C SER B 206 16.24 18.44 -33.66
N SER B 207 16.77 18.50 -34.88
CA SER B 207 17.49 19.67 -35.35
C SER B 207 16.49 20.84 -35.46
N LEU B 208 15.21 20.53 -35.65
CA LEU B 208 14.18 21.57 -35.74
C LEU B 208 14.12 22.36 -34.45
N VAL B 209 13.85 23.65 -34.56
CA VAL B 209 13.81 24.49 -33.38
C VAL B 209 12.40 24.90 -32.95
N SER B 210 12.10 24.58 -31.70
CA SER B 210 10.81 24.88 -31.10
C SER B 210 9.63 24.60 -32.02
N THR B 211 9.60 23.39 -32.57
CA THR B 211 8.51 22.99 -33.46
C THR B 211 7.87 21.75 -32.88
N THR B 212 6.56 21.64 -33.00
CA THR B 212 5.89 20.45 -32.49
C THR B 212 6.13 19.31 -33.47
N LEU B 213 6.71 18.22 -32.95
CA LEU B 213 7.06 17.05 -33.72
C LEU B 213 5.90 16.07 -33.95
N GLY B 214 5.10 15.87 -32.91
CA GLY B 214 3.98 14.97 -33.03
C GLY B 214 3.32 14.85 -31.67
N ARG B 215 2.50 13.82 -31.51
CA ARG B 215 1.82 13.61 -30.24
C ARG B 215 2.04 12.19 -29.82
N ILE B 216 1.62 11.90 -28.61
CA ILE B 216 1.70 10.57 -28.08
C ILE B 216 0.25 10.18 -27.88
N MET B 217 -0.18 9.18 -28.64
CA MET B 217 -1.56 8.71 -28.58
C MET B 217 -1.79 7.66 -27.52
N ALA B 218 -3.05 7.55 -27.08
CA ALA B 218 -3.40 6.56 -26.08
C ALA B 218 -4.78 6.01 -26.36
N GLU B 219 -4.85 4.69 -26.50
CA GLU B 219 -6.10 3.98 -26.75
C GLU B 219 -6.26 3.17 -25.47
N TYR B 220 -7.34 3.42 -24.74
CA TYR B 220 -7.51 2.74 -23.47
C TYR B 220 -8.92 2.33 -23.13
N LEU B 221 -9.04 1.69 -21.97
CA LEU B 221 -10.29 1.23 -21.41
C LEU B 221 -9.99 1.16 -19.93
N VAL B 222 -10.70 1.95 -19.12
CA VAL B 222 -10.48 1.91 -17.68
C VAL B 222 -11.84 1.75 -17.01
N GLU B 223 -11.85 1.07 -15.88
CA GLU B 223 -13.10 0.85 -15.18
C GLU B 223 -13.15 1.70 -13.92
N LEU B 224 -14.25 2.41 -13.77
CA LEU B 224 -14.45 3.27 -12.63
C LEU B 224 -15.48 2.65 -11.74
N THR B 225 -15.40 2.95 -10.45
CA THR B 225 -16.36 2.40 -9.53
C THR B 225 -16.63 3.36 -8.38
N ASP B 226 -17.80 3.21 -7.75
CA ASP B 226 -18.20 4.04 -6.62
C ASP B 226 -18.37 5.51 -6.96
N PRO B 227 -19.55 5.88 -7.47
CA PRO B 227 -19.83 7.28 -7.84
C PRO B 227 -19.64 8.20 -6.64
N VAL B 228 -19.26 9.44 -6.91
CA VAL B 228 -19.03 10.43 -5.87
C VAL B 228 -19.46 11.78 -6.36
N ASP B 229 -19.78 12.68 -5.46
CA ASP B 229 -20.16 14.02 -5.89
C ASP B 229 -18.89 14.74 -6.32
N VAL B 230 -18.95 15.34 -7.49
CA VAL B 230 -17.83 16.07 -8.06
C VAL B 230 -17.10 17.01 -7.09
N THR B 231 -17.86 17.68 -6.22
CA THR B 231 -17.30 18.62 -5.25
C THR B 231 -16.62 17.93 -4.08
N ILE B 232 -17.35 17.05 -3.41
CA ILE B 232 -16.79 16.32 -2.29
C ILE B 232 -15.49 15.67 -2.74
N ASN B 233 -15.55 15.08 -3.92
CA ASN B 233 -14.40 14.38 -4.49
C ASN B 233 -13.39 15.33 -5.05
N GLN B 234 -12.38 15.60 -4.24
CA GLN B 234 -11.27 16.47 -4.60
C GLN B 234 -10.17 16.23 -3.55
N GLY C 27 1.56 -56.27 30.22
CA GLY C 27 0.41 -55.89 31.08
C GLY C 27 -0.19 -54.54 30.71
N GLN C 28 0.24 -53.50 31.43
CA GLN C 28 -0.26 -52.14 31.19
C GLN C 28 0.68 -51.27 30.34
N GLN C 29 0.30 -50.01 30.17
CA GLN C 29 1.07 -49.06 29.40
C GLN C 29 2.11 -48.43 30.30
N PRO C 30 3.01 -47.61 29.75
CA PRO C 30 4.04 -46.97 30.55
C PRO C 30 3.44 -45.95 31.51
N THR C 31 4.18 -45.64 32.56
CA THR C 31 3.74 -44.68 33.56
C THR C 31 4.34 -43.32 33.28
N ARG C 32 5.45 -43.30 32.59
CA ARG C 32 6.13 -42.06 32.29
C ARG C 32 6.82 -42.14 30.95
N GLN C 33 7.42 -41.03 30.57
CA GLN C 33 8.16 -40.99 29.34
C GLN C 33 9.46 -40.26 29.57
N VAL C 34 10.55 -41.01 29.49
CA VAL C 34 11.87 -40.47 29.71
C VAL C 34 12.55 -40.08 28.41
N THR C 35 13.17 -38.91 28.40
CA THR C 35 13.87 -38.41 27.23
C THR C 35 15.26 -37.93 27.61
N PRO C 36 16.30 -38.55 27.05
CA PRO C 36 17.65 -38.14 27.37
C PRO C 36 17.93 -36.77 26.78
N VAL C 37 18.46 -35.87 27.60
CA VAL C 37 18.76 -34.54 27.13
C VAL C 37 20.24 -34.27 27.37
N SER C 38 20.82 -33.43 26.53
CA SER C 38 22.22 -33.12 26.67
C SER C 38 22.56 -31.79 26.01
N ALA C 39 23.64 -31.18 26.48
CA ALA C 39 24.08 -29.90 25.92
C ALA C 39 25.57 -29.96 25.70
N PRO C 40 26.03 -29.52 24.53
CA PRO C 40 27.46 -29.52 24.20
C PRO C 40 28.14 -28.30 24.81
N ALA C 41 29.46 -28.25 24.73
CA ALA C 41 30.20 -27.12 25.24
C ALA C 41 29.81 -25.89 24.43
N ALA C 42 29.55 -26.11 23.15
CA ALA C 42 29.14 -25.04 22.24
C ALA C 42 28.49 -25.57 20.97
N MET C 43 27.43 -24.90 20.54
CA MET C 43 26.70 -25.27 19.33
C MET C 43 26.88 -24.15 18.35
N GLY C 44 26.78 -24.48 17.06
CA GLY C 44 26.94 -23.46 16.05
C GLY C 44 26.65 -24.00 14.67
N THR C 45 27.19 -23.28 13.67
CA THR C 45 26.98 -23.65 12.29
C THR C 45 28.00 -23.03 11.36
N GLN C 46 28.54 -23.84 10.46
CA GLN C 46 29.47 -23.32 9.49
C GLN C 46 28.61 -23.09 8.27
N ILE C 47 28.88 -22.05 7.50
CA ILE C 47 28.08 -21.78 6.33
C ILE C 47 28.91 -21.34 5.14
N THR C 48 28.83 -22.11 4.05
CA THR C 48 29.57 -21.76 2.86
C THR C 48 28.58 -21.19 1.84
N TYR C 49 28.92 -20.03 1.29
CA TYR C 49 28.08 -19.34 0.32
C TYR C 49 28.29 -19.96 -1.05
N ARG C 50 27.20 -20.37 -1.68
CA ARG C 50 27.28 -21.00 -2.99
C ARG C 50 27.07 -20.04 -4.14
N GLY C 51 26.41 -18.91 -3.87
CA GLY C 51 26.18 -17.94 -4.92
C GLY C 51 24.71 -17.66 -5.10
N PRO C 52 24.39 -16.44 -5.54
CA PRO C 52 23.00 -16.04 -5.76
C PRO C 52 22.44 -16.76 -6.97
N GLN C 53 21.13 -16.93 -6.99
CA GLN C 53 20.46 -17.59 -8.09
C GLN C 53 19.51 -16.63 -8.77
N VAL C 54 19.75 -16.37 -10.05
CA VAL C 54 18.88 -15.47 -10.79
C VAL C 54 18.50 -16.03 -12.14
N VAL C 55 17.21 -15.92 -12.48
CA VAL C 55 16.71 -16.42 -13.76
C VAL C 55 15.59 -15.55 -14.31
N THR C 56 15.65 -15.26 -15.61
CA THR C 56 14.62 -14.47 -16.27
C THR C 56 13.58 -15.47 -16.76
N GLN C 57 12.30 -15.11 -16.71
CA GLN C 57 11.27 -16.03 -17.15
C GLN C 57 10.19 -15.35 -17.94
N TYR C 58 9.26 -16.15 -18.46
CA TYR C 58 8.17 -15.60 -19.24
C TYR C 58 7.41 -14.68 -18.31
N GLY C 59 6.71 -13.72 -18.91
CA GLY C 59 6.00 -12.74 -18.11
C GLY C 59 7.08 -11.70 -17.92
N ASP C 60 6.99 -10.89 -16.88
CA ASP C 60 8.03 -9.91 -16.68
C ASP C 60 8.83 -10.42 -15.50
N ILE C 61 8.33 -11.53 -14.96
CA ILE C 61 8.92 -12.15 -13.80
C ILE C 61 10.34 -12.64 -13.93
N THR C 62 11.11 -12.34 -12.89
CA THR C 62 12.49 -12.74 -12.85
C THR C 62 12.81 -12.91 -11.35
N PRO C 63 12.88 -14.18 -10.91
CA PRO C 63 13.16 -14.64 -9.55
C PRO C 63 14.61 -14.50 -9.10
N ALA C 64 14.80 -13.80 -7.98
CA ALA C 64 16.11 -13.60 -7.40
C ALA C 64 16.14 -14.39 -6.11
N LYS C 65 17.14 -15.24 -5.97
CA LYS C 65 17.24 -16.07 -4.78
C LYS C 65 18.61 -15.87 -4.16
N ASN C 66 18.65 -15.72 -2.85
CA ASN C 66 19.92 -15.52 -2.19
C ASN C 66 19.81 -15.77 -0.70
N SER C 67 20.96 -15.71 -0.03
CA SER C 67 21.03 -15.90 1.42
C SER C 67 22.27 -15.19 1.97
N GLY C 68 22.28 -14.94 3.27
CA GLY C 68 23.40 -14.28 3.88
C GLY C 68 23.10 -13.85 5.30
N SER C 69 23.95 -12.99 5.85
CA SER C 69 23.75 -12.48 7.20
C SER C 69 22.90 -11.21 7.14
N LEU C 70 21.99 -11.08 8.10
CA LEU C 70 21.13 -9.94 8.14
C LEU C 70 21.61 -8.91 9.15
N VAL C 71 21.83 -9.39 10.37
CA VAL C 71 22.23 -8.56 11.47
C VAL C 71 23.30 -9.20 12.32
N ARG C 72 24.16 -8.36 12.89
CA ARG C 72 25.22 -8.80 13.79
C ARG C 72 24.70 -8.37 15.15
N VAL C 73 24.12 -9.30 15.90
CA VAL C 73 23.58 -8.96 17.21
C VAL C 73 24.61 -8.95 18.32
N THR C 74 24.80 -7.75 18.88
CA THR C 74 25.77 -7.54 19.95
C THR C 74 25.17 -7.02 21.26
N SER C 75 25.64 -7.66 22.34
CA SER C 75 25.25 -7.41 23.73
C SER C 75 25.24 -5.95 24.18
N SER C 76 24.50 -5.68 25.25
CA SER C 76 24.40 -4.34 25.81
C SER C 76 25.62 -4.02 26.66
N ALA C 77 25.94 -2.73 26.71
CA ALA C 77 27.08 -2.25 27.49
C ALA C 77 26.81 -2.51 28.98
N THR C 78 25.52 -2.54 29.33
CA THR C 78 25.08 -2.81 30.70
C THR C 78 24.67 -4.29 30.71
N ALA C 79 25.41 -5.11 31.45
CA ALA C 79 25.12 -6.53 31.50
C ALA C 79 23.66 -6.84 31.80
N GLY C 80 23.11 -7.81 31.07
CA GLY C 80 21.74 -8.23 31.27
C GLY C 80 20.66 -7.36 30.62
N THR C 81 21.05 -6.18 30.16
CA THR C 81 20.10 -5.28 29.53
C THR C 81 19.76 -5.71 28.11
N GLU C 82 18.52 -5.47 27.70
CA GLU C 82 18.07 -5.86 26.37
C GLU C 82 18.51 -4.94 25.26
N VAL C 83 18.87 -5.55 24.14
CA VAL C 83 19.29 -4.82 22.94
C VAL C 83 18.23 -5.20 21.91
N SER C 84 17.88 -4.29 21.01
CA SER C 84 16.87 -4.62 20.01
C SER C 84 17.04 -3.85 18.71
N GLY C 85 16.09 -4.05 17.78
CA GLY C 85 16.14 -3.38 16.50
C GLY C 85 15.22 -4.03 15.47
N THR C 86 15.11 -3.43 14.29
CA THR C 86 14.27 -3.99 13.23
C THR C 86 14.95 -3.79 11.88
N VAL C 87 14.61 -4.66 10.93
CA VAL C 87 15.18 -4.58 9.59
C VAL C 87 14.07 -4.51 8.54
N LEU C 88 14.21 -3.58 7.61
CA LEU C 88 13.24 -3.42 6.54
C LEU C 88 13.53 -4.41 5.42
N PHE C 89 12.53 -5.15 4.97
CA PHE C 89 12.78 -6.05 3.86
C PHE C 89 12.51 -5.28 2.56
N ASN C 90 13.59 -4.92 1.90
CA ASN C 90 13.56 -4.13 0.69
C ASN C 90 14.47 -4.58 -0.39
N VAL C 91 14.10 -4.27 -1.62
CA VAL C 91 14.95 -4.59 -2.75
C VAL C 91 15.94 -3.43 -2.81
N ARG C 92 15.68 -2.41 -1.98
CA ARG C 92 16.52 -1.23 -1.92
C ARG C 92 16.95 -0.86 -0.52
N ASN C 93 17.43 -1.85 0.22
CA ASN C 93 17.92 -1.62 1.57
C ASN C 93 19.40 -1.94 1.47
N ALA C 94 20.16 -1.04 0.88
CA ALA C 94 21.59 -1.24 0.68
C ALA C 94 22.38 -1.55 1.94
N THR C 95 21.80 -1.30 3.10
CA THR C 95 22.49 -1.54 4.34
C THR C 95 22.59 -3.03 4.73
N GLU C 96 21.45 -3.71 4.84
CA GLU C 96 21.46 -5.12 5.21
C GLU C 96 21.25 -6.08 4.06
N LEU C 97 20.58 -5.63 3.01
CA LEU C 97 20.33 -6.49 1.86
C LEU C 97 20.98 -5.84 0.64
N PRO C 98 22.31 -5.71 0.67
CA PRO C 98 23.17 -5.11 -0.36
C PRO C 98 23.02 -5.80 -1.69
N TRP C 99 23.10 -7.12 -1.67
CA TRP C 99 22.98 -7.86 -2.92
C TRP C 99 21.63 -7.57 -3.55
N LEU C 100 20.57 -7.76 -2.76
CA LEU C 100 19.24 -7.52 -3.25
C LEU C 100 19.09 -6.11 -3.85
N SER C 101 19.82 -5.14 -3.31
CA SER C 101 19.77 -3.77 -3.81
C SER C 101 20.17 -3.70 -5.27
N GLY C 102 21.22 -4.44 -5.62
CA GLY C 102 21.68 -4.43 -7.00
C GLY C 102 20.53 -4.79 -7.92
N GLN C 103 19.73 -5.76 -7.50
CA GLN C 103 18.59 -6.20 -8.27
C GLN C 103 17.51 -5.13 -8.25
N GLY C 104 17.14 -4.70 -7.04
CA GLY C 104 16.12 -3.70 -6.87
C GLY C 104 16.29 -2.45 -7.72
N SER C 105 17.53 -1.97 -7.82
CA SER C 105 17.81 -0.77 -8.61
C SER C 105 17.40 -0.83 -10.08
N ARG C 106 17.33 -2.05 -10.64
CA ARG C 106 16.98 -2.22 -12.04
C ARG C 106 15.51 -2.55 -12.32
N TYR C 107 14.73 -2.82 -11.28
CA TYR C 107 13.31 -3.12 -11.51
C TYR C 107 12.39 -2.15 -10.81
N SER C 108 11.16 -2.07 -11.28
CA SER C 108 10.22 -1.13 -10.71
C SER C 108 9.39 -1.71 -9.60
N LYS C 109 8.93 -2.95 -9.77
CA LYS C 109 8.10 -3.59 -8.77
C LYS C 109 8.66 -4.95 -8.37
N TYR C 110 8.08 -5.53 -7.32
CA TYR C 110 8.54 -6.83 -6.86
C TYR C 110 7.59 -7.37 -5.81
N ARG C 111 7.90 -8.57 -5.35
CA ARG C 111 7.12 -9.22 -4.32
C ARG C 111 7.95 -10.38 -3.81
N VAL C 112 7.71 -10.76 -2.57
CA VAL C 112 8.45 -11.83 -1.93
C VAL C 112 7.77 -13.19 -2.02
N ARG C 113 8.48 -14.16 -2.60
CA ARG C 113 7.97 -15.51 -2.73
C ARG C 113 8.05 -16.15 -1.36
N TYR C 114 9.24 -16.09 -0.77
CA TYR C 114 9.47 -16.64 0.55
C TYR C 114 10.71 -16.00 1.14
N ALA C 115 10.77 -15.94 2.47
CA ALA C 115 11.90 -15.37 3.18
C ALA C 115 11.90 -16.02 4.55
N HIS C 116 13.03 -16.61 4.92
CA HIS C 116 13.15 -17.28 6.22
C HIS C 116 14.34 -16.76 6.97
N PHE C 117 14.13 -16.44 8.24
CA PHE C 117 15.21 -15.92 9.06
C PHE C 117 15.52 -16.83 10.20
N THR C 118 16.78 -16.85 10.58
CA THR C 118 17.22 -17.76 11.61
C THR C 118 18.38 -17.22 12.47
N TRP C 119 18.44 -17.71 13.71
CA TRP C 119 19.47 -17.30 14.67
C TRP C 119 20.68 -18.23 14.69
N GLU C 120 21.87 -17.65 14.69
CA GLU C 120 23.13 -18.41 14.73
C GLU C 120 24.07 -17.90 15.82
N PRO C 121 24.33 -18.74 16.84
CA PRO C 121 25.20 -18.45 17.98
C PRO C 121 26.70 -18.41 17.71
N ILE C 122 27.37 -17.47 18.37
CA ILE C 122 28.82 -17.30 18.31
C ILE C 122 29.31 -17.53 19.75
N VAL C 123 28.37 -17.87 20.62
CA VAL C 123 28.70 -18.06 22.02
C VAL C 123 28.64 -19.51 22.51
N GLY C 124 29.41 -19.82 23.56
CA GLY C 124 29.41 -21.15 24.13
C GLY C 124 28.12 -21.40 24.91
N SER C 125 27.76 -22.65 25.16
CA SER C 125 26.52 -22.99 25.89
C SER C 125 26.60 -22.59 27.35
N ASN C 126 27.79 -22.19 27.75
CA ASN C 126 28.11 -21.77 29.10
C ASN C 126 27.38 -20.46 29.40
N THR C 127 27.27 -19.63 28.37
CA THR C 127 26.65 -18.32 28.42
C THR C 127 25.17 -18.19 28.82
N ASN C 128 24.83 -17.06 29.44
CA ASN C 128 23.47 -16.77 29.88
C ASN C 128 22.84 -15.71 29.00
N GLY C 129 21.55 -15.86 28.76
CA GLY C 129 20.85 -14.90 27.92
C GLY C 129 19.87 -15.60 27.02
N GLU C 130 19.09 -14.83 26.28
CA GLU C 130 18.14 -15.40 25.37
C GLU C 130 17.90 -14.42 24.22
N VAL C 131 17.28 -14.91 23.16
CA VAL C 131 17.02 -14.12 21.97
C VAL C 131 15.64 -14.41 21.43
N ALA C 132 15.09 -13.46 20.67
CA ALA C 132 13.76 -13.61 20.08
C ALA C 132 13.58 -12.67 18.89
N MET C 133 12.73 -13.08 17.95
CA MET C 133 12.44 -12.26 16.79
C MET C 133 11.04 -12.53 16.28
N ALA C 134 10.47 -11.57 15.58
CA ALA C 134 9.11 -11.72 15.05
C ALA C 134 8.91 -10.81 13.84
N MET C 135 7.73 -10.84 13.25
CA MET C 135 7.46 -10.02 12.07
C MET C 135 6.51 -8.88 12.23
N LEU C 136 6.90 -7.74 11.68
CA LEU C 136 6.08 -6.54 11.75
C LEU C 136 5.73 -6.16 10.33
N TYR C 137 4.61 -5.45 10.18
CA TYR C 137 4.15 -5.07 8.87
C TYR C 137 3.86 -3.59 8.70
N ASP C 138 4.55 -2.76 9.46
CA ASP C 138 4.37 -1.33 9.35
C ASP C 138 5.72 -0.70 9.62
N VAL C 139 6.30 -0.12 8.58
CA VAL C 139 7.60 0.52 8.64
C VAL C 139 7.71 1.49 9.82
N ALA C 140 6.55 2.00 10.26
CA ALA C 140 6.47 2.94 11.38
C ALA C 140 6.70 2.34 12.78
N ASP C 141 6.21 1.12 13.00
CA ASP C 141 6.38 0.44 14.30
C ASP C 141 7.84 0.02 14.51
N VAL C 142 8.61 0.89 15.14
CA VAL C 142 10.03 0.63 15.37
C VAL C 142 10.48 1.00 16.78
N THR C 143 9.55 1.03 17.71
CA THR C 143 9.90 1.41 19.07
C THR C 143 9.28 0.46 20.06
N SER C 144 9.88 0.39 21.25
CA SER C 144 9.36 -0.46 22.32
C SER C 144 9.55 -1.95 22.08
N ILE C 145 10.51 -2.30 21.22
CA ILE C 145 10.77 -3.71 20.93
C ILE C 145 11.41 -4.39 22.14
N THR C 146 10.84 -5.50 22.58
CA THR C 146 11.40 -6.23 23.71
C THR C 146 11.09 -7.72 23.54
N ILE C 147 11.83 -8.56 24.23
CA ILE C 147 11.62 -9.98 24.12
C ILE C 147 10.20 -10.41 24.47
N GLU C 148 9.78 -10.15 25.71
CA GLU C 148 8.43 -10.53 26.11
C GLU C 148 7.37 -10.08 25.10
N ARG C 149 7.64 -8.97 24.40
CA ARG C 149 6.69 -8.44 23.43
C ARG C 149 6.77 -9.07 22.06
N LEU C 150 7.95 -9.55 21.68
CA LEU C 150 8.09 -10.19 20.39
C LEU C 150 7.49 -11.58 20.47
N MET C 151 7.53 -12.17 21.66
CA MET C 151 6.99 -13.49 21.88
C MET C 151 5.48 -13.55 21.65
N GLN C 152 4.81 -12.40 21.73
CA GLN C 152 3.39 -12.37 21.48
C GLN C 152 3.06 -11.70 20.17
N THR C 153 4.05 -11.64 19.30
CA THR C 153 3.89 -11.04 17.98
C THR C 153 4.03 -12.19 16.99
N ARG C 154 3.29 -12.10 15.88
CA ARG C 154 3.33 -13.16 14.88
C ARG C 154 4.74 -13.51 14.37
N GLY C 155 5.04 -14.80 14.37
CA GLY C 155 6.34 -15.25 13.91
C GLY C 155 7.30 -15.50 15.05
N GLY C 156 6.86 -15.15 16.25
CA GLY C 156 7.71 -15.32 17.42
C GLY C 156 8.52 -16.60 17.47
N THR C 157 9.84 -16.44 17.58
CA THR C 157 10.78 -17.55 17.72
C THR C 157 11.69 -17.12 18.83
N TRP C 158 12.25 -18.06 19.57
CA TRP C 158 13.11 -17.65 20.66
C TRP C 158 13.87 -18.83 21.19
N GLY C 159 14.68 -18.57 22.20
CA GLY C 159 15.42 -19.66 22.79
C GLY C 159 16.67 -19.19 23.49
N PRO C 160 17.31 -20.07 24.26
CA PRO C 160 18.53 -19.66 24.95
C PRO C 160 19.48 -19.14 23.89
N ILE C 161 20.16 -18.05 24.22
CA ILE C 161 21.07 -17.42 23.30
C ILE C 161 22.12 -18.32 22.64
N TRP C 162 22.68 -19.24 23.41
CA TRP C 162 23.74 -20.13 22.92
C TRP C 162 23.37 -21.21 21.92
N SER C 163 22.07 -21.37 21.67
CA SER C 163 21.62 -22.40 20.74
C SER C 163 20.92 -21.88 19.50
N PRO C 164 21.24 -22.47 18.34
CA PRO C 164 20.62 -22.07 17.06
C PRO C 164 19.13 -22.19 17.22
N THR C 165 18.40 -21.35 16.50
CA THR C 165 16.96 -21.35 16.61
C THR C 165 16.37 -22.54 15.85
N ARG C 166 15.57 -23.35 16.55
CA ARG C 166 14.95 -24.53 15.96
C ARG C 166 13.90 -24.13 14.91
N LYS C 167 12.84 -23.47 15.37
CA LYS C 167 11.79 -23.03 14.46
C LYS C 167 12.25 -21.76 13.76
N ARG C 168 12.11 -21.69 12.45
CA ARG C 168 12.54 -20.49 11.76
C ARG C 168 11.41 -19.46 11.62
N LEU C 169 11.77 -18.25 11.24
CA LEU C 169 10.82 -17.17 11.07
C LEU C 169 10.57 -17.04 9.58
N SER C 170 9.33 -17.25 9.15
CA SER C 170 9.04 -17.18 7.73
C SER C 170 8.01 -16.14 7.40
N TYR C 171 8.16 -15.53 6.21
CA TYR C 171 7.24 -14.51 5.74
C TYR C 171 5.95 -15.19 5.28
N ASP C 172 4.83 -14.48 5.40
CA ASP C 172 3.51 -14.99 4.99
C ASP C 172 2.94 -14.11 3.86
N PRO C 173 3.27 -14.45 2.60
CA PRO C 173 2.81 -13.71 1.42
C PRO C 173 1.33 -13.73 1.07
N GLU C 174 0.58 -14.64 1.71
CA GLU C 174 -0.85 -14.75 1.47
C GLU C 174 -1.58 -13.59 2.12
N HIS C 175 -0.88 -12.91 3.02
CA HIS C 175 -1.48 -11.78 3.72
C HIS C 175 -0.87 -10.46 3.32
N ALA C 176 -0.05 -10.49 2.28
CA ALA C 176 0.55 -9.26 1.81
C ALA C 176 -0.55 -8.24 1.56
N SER C 177 -0.22 -6.98 1.83
CA SER C 177 -1.14 -5.87 1.67
C SER C 177 -1.14 -5.39 0.24
N LEU C 178 -0.08 -5.74 -0.48
CA LEU C 178 0.06 -5.38 -1.87
C LEU C 178 0.46 -6.56 -2.73
N PRO C 179 -0.21 -6.75 -3.87
CA PRO C 179 0.15 -7.87 -4.74
C PRO C 179 1.58 -7.65 -5.21
N TRP C 180 1.92 -6.38 -5.48
CA TRP C 180 3.24 -5.99 -5.95
C TRP C 180 3.73 -4.73 -5.26
N TYR C 181 4.86 -4.84 -4.57
CA TYR C 181 5.43 -3.69 -3.90
C TYR C 181 6.35 -2.92 -4.83
N LEU C 182 6.66 -1.68 -4.44
CA LEU C 182 7.51 -0.83 -5.27
C LEU C 182 8.97 -0.73 -4.93
N SER C 183 9.78 -0.67 -5.98
CA SER C 183 11.22 -0.52 -5.84
C SER C 183 11.44 0.98 -5.88
N GLY C 184 11.29 1.59 -4.72
CA GLY C 184 11.46 3.01 -4.61
C GLY C 184 12.18 3.30 -3.31
N VAL C 185 12.47 4.57 -3.11
CA VAL C 185 13.18 5.00 -1.93
C VAL C 185 12.55 6.23 -1.28
N SER C 186 11.31 6.53 -1.64
CA SER C 186 10.61 7.69 -1.09
C SER C 186 10.64 7.64 0.44
N SER C 187 10.73 8.82 1.06
CA SER C 187 10.85 8.95 2.51
C SER C 187 9.67 8.71 3.45
N GLY C 188 8.45 9.03 3.02
CA GLY C 188 7.29 8.83 3.88
C GLY C 188 7.20 7.53 4.67
N ALA C 189 6.21 7.49 5.57
CA ALA C 189 5.95 6.30 6.39
C ALA C 189 5.05 5.42 5.52
N ALA C 190 4.14 6.07 4.79
CA ALA C 190 3.23 5.38 3.88
C ALA C 190 4.09 4.89 2.72
N ALA C 191 4.87 5.79 2.15
CA ALA C 191 5.76 5.45 1.05
C ALA C 191 6.59 4.24 1.46
N GLY C 192 6.99 4.22 2.72
CA GLY C 192 7.78 3.10 3.22
C GLY C 192 7.00 1.79 3.18
N ASN C 193 5.74 1.86 3.55
CA ASN C 193 4.89 0.67 3.56
C ASN C 193 4.49 0.20 2.18
N ILE C 194 4.62 1.07 1.19
CA ILE C 194 4.30 0.74 -0.18
C ILE C 194 5.52 0.11 -0.85
N GLN C 195 6.69 0.29 -0.23
CA GLN C 195 7.92 -0.23 -0.80
C GLN C 195 8.48 -1.37 0.03
N THR C 196 7.92 -1.57 1.22
CA THR C 196 8.39 -2.64 2.09
C THR C 196 7.26 -3.54 2.53
N PRO C 197 7.33 -4.83 2.19
CA PRO C 197 6.30 -5.80 2.57
C PRO C 197 6.33 -6.22 4.04
N PHE C 198 7.45 -5.99 4.74
CA PHE C 198 7.53 -6.37 6.15
C PHE C 198 8.89 -6.05 6.78
N GLN C 199 8.97 -6.16 8.10
CA GLN C 199 10.21 -5.92 8.81
C GLN C 199 10.45 -7.00 9.83
N ILE C 200 11.72 -7.17 10.19
CA ILE C 200 12.13 -8.16 11.17
C ILE C 200 12.49 -7.49 12.47
N ALA C 201 11.67 -7.72 13.49
CA ALA C 201 11.96 -7.17 14.79
C ALA C 201 12.76 -8.24 15.52
N TRP C 202 13.62 -7.82 16.43
CA TRP C 202 14.42 -8.78 17.19
C TRP C 202 14.92 -8.10 18.45
N ALA C 203 15.13 -8.91 19.49
CA ALA C 203 15.61 -8.39 20.76
C ALA C 203 16.38 -9.49 21.45
N ALA C 204 17.40 -9.12 22.22
CA ALA C 204 18.19 -10.11 22.92
C ALA C 204 18.81 -9.50 24.17
N GLN C 205 19.26 -10.36 25.08
CA GLN C 205 19.90 -9.91 26.30
C GLN C 205 20.91 -10.97 26.71
N SER C 206 21.94 -10.56 27.45
CA SER C 206 22.95 -11.50 27.88
C SER C 206 23.77 -10.95 29.03
N SER C 207 24.29 -11.86 29.85
CA SER C 207 25.12 -11.50 30.99
C SER C 207 26.43 -10.93 30.47
N LEU C 208 26.79 -11.26 29.22
CA LEU C 208 28.03 -10.75 28.64
C LEU C 208 27.88 -9.27 28.35
N VAL C 209 29.00 -8.55 28.37
CA VAL C 209 28.95 -7.11 28.13
C VAL C 209 29.56 -6.67 26.80
N SER C 210 28.72 -6.05 25.98
CA SER C 210 29.10 -5.56 24.67
C SER C 210 29.86 -6.59 23.86
N THR C 211 29.31 -7.81 23.82
CA THR C 211 29.92 -8.90 23.08
C THR C 211 28.98 -9.27 21.94
N THR C 212 29.52 -9.61 20.78
CA THR C 212 28.65 -10.00 19.67
C THR C 212 28.18 -11.41 19.96
N LEU C 213 26.88 -11.53 20.18
CA LEU C 213 26.26 -12.81 20.51
C LEU C 213 26.04 -13.76 19.34
N GLY C 214 25.70 -13.21 18.19
CA GLY C 214 25.46 -14.05 17.04
C GLY C 214 24.93 -13.25 15.87
N ARG C 215 24.49 -13.93 14.82
CA ARG C 215 23.97 -13.26 13.65
C ARG C 215 22.63 -13.85 13.26
N ILE C 216 21.84 -13.06 12.53
CA ILE C 216 20.55 -13.53 12.05
C ILE C 216 20.76 -13.74 10.57
N MET C 217 20.57 -14.98 10.13
CA MET C 217 20.75 -15.34 8.73
C MET C 217 19.45 -15.28 7.97
N ALA C 218 19.54 -15.15 6.65
CA ALA C 218 18.35 -15.09 5.83
C ALA C 218 18.49 -15.78 4.45
N GLU C 219 17.51 -16.63 4.10
CA GLU C 219 17.48 -17.24 2.77
C GLU C 219 16.12 -16.68 2.27
N TYR C 220 16.08 -16.22 1.04
CA TYR C 220 14.86 -15.65 0.49
C TYR C 220 14.82 -15.74 -1.02
N LEU C 221 13.64 -15.46 -1.58
CA LEU C 221 13.43 -15.50 -3.00
C LEU C 221 12.42 -14.40 -3.30
N VAL C 222 12.77 -13.46 -4.18
CA VAL C 222 11.85 -12.39 -4.52
C VAL C 222 11.71 -12.35 -6.04
N GLU C 223 10.59 -11.83 -6.51
CA GLU C 223 10.35 -11.74 -7.93
C GLU C 223 10.32 -10.30 -8.36
N LEU C 224 11.29 -9.91 -9.18
CA LEU C 224 11.34 -8.54 -9.66
C LEU C 224 10.57 -8.48 -10.96
N THR C 225 10.09 -7.29 -11.31
CA THR C 225 9.34 -7.15 -12.54
C THR C 225 9.42 -5.71 -13.02
N ASP C 226 9.14 -5.51 -14.30
CA ASP C 226 9.19 -4.19 -14.94
C ASP C 226 10.57 -3.55 -14.84
N PRO C 227 11.46 -3.86 -15.80
CA PRO C 227 12.82 -3.29 -15.80
C PRO C 227 12.77 -1.78 -15.90
N VAL C 228 13.86 -1.13 -15.49
CA VAL C 228 13.94 0.31 -15.53
C VAL C 228 15.39 0.70 -15.38
N ASP C 229 15.79 1.77 -16.06
CA ASP C 229 17.18 2.20 -15.96
C ASP C 229 17.42 2.64 -14.52
N VAL C 230 18.51 2.15 -13.93
CA VAL C 230 18.86 2.44 -12.55
C VAL C 230 18.83 3.92 -12.17
N THR C 231 19.39 4.76 -13.04
CA THR C 231 19.44 6.20 -12.82
C THR C 231 18.05 6.77 -12.55
N ILE C 232 17.09 6.34 -13.36
CA ILE C 232 15.71 6.80 -13.27
C ILE C 232 14.95 6.24 -12.09
N ASN C 233 15.19 4.96 -11.78
CA ASN C 233 14.47 4.26 -10.72
C ASN C 233 14.58 4.91 -9.35
N GLN C 234 15.57 5.78 -9.20
CA GLN C 234 15.76 6.50 -7.95
C GLN C 234 14.68 7.58 -7.79
#